data_8OWX
#
_entry.id   8OWX
#
_cell.length_a   82.856
_cell.length_b   82.856
_cell.length_c   130.390
_cell.angle_alpha   90.00
_cell.angle_beta   90.00
_cell.angle_gamma   90.00
#
_symmetry.space_group_name_H-M   'P 43'
#
loop_
_entity.id
_entity.type
_entity.pdbx_description
1 polymer 'tRNA N(3)-methylcytidine methyltransferase METTL6'
2 non-polymer S-ADENOSYL-L-HOMOCYSTEINE
3 non-polymer 2-[3-(2-HYDROXY-1,1-DIHYDROXYMETHYL-ETHYLAMINO)-PROPYLAMINO]-2-HYDROXYMETHYL-PROPANE-1,3-DIOL
#
_entity_poly.entity_id   1
_entity_poly.type   'polypeptide(L)'
_entity_poly.pdbx_seq_one_letter_code
;GPDSMASLQRKGLQARILTSEEEEKLKRDQTLVSDFKQQKLEQEAQKNWDLFYKRNSTNFFKDRHWTTREFEELRSCREF
EDQKLTMLEAGCGVGNCLFPLLEEDPNIFAYACDFSPRAIEYVKQNPLYDTERCKVFQCDLTKDDLLDHVPPESVDVVML
IFVLSAVHPDKMHLVLQNIYKVLKPGKSVLFRDYGLYDHAMLRFKASSKLGENFYVRQDGTRSYFFTDDFLAQLFMDTGY
EEVVNEYVFRETVNKKEGLCVPRVFLQSKFLKPPK
;
_entity_poly.pdbx_strand_id   A,B
#
loop_
_chem_comp.id
_chem_comp.type
_chem_comp.name
_chem_comp.formula
B3P non-polymer 2-[3-(2-HYDROXY-1,1-DIHYDROXYMETHYL-ETHYLAMINO)-PROPYLAMINO]-2-HYDROXYMETHYL-PROPANE-1,3-DIOL 'C11 H26 N2 O6'
SAH non-polymer S-ADENOSYL-L-HOMOCYSTEINE 'C14 H20 N6 O5 S'
#
# COMPACT_ATOMS: atom_id res chain seq x y z
N VAL A 33 -38.02 -4.29 4.63
CA VAL A 33 -37.26 -5.32 3.86
C VAL A 33 -38.09 -5.72 2.63
N SER A 34 -37.49 -6.45 1.68
CA SER A 34 -38.21 -6.78 0.42
C SER A 34 -38.93 -8.13 0.50
N ASP A 35 -38.79 -8.87 1.61
CA ASP A 35 -39.54 -10.15 1.82
C ASP A 35 -39.35 -11.13 0.65
N PHE A 36 -40.44 -11.63 0.08
CA PHE A 36 -40.38 -12.65 -1.01
C PHE A 36 -39.62 -12.09 -2.22
N LYS A 37 -39.70 -10.78 -2.46
CA LYS A 37 -39.07 -10.21 -3.69
C LYS A 37 -37.59 -10.57 -3.66
N GLN A 38 -36.99 -10.63 -2.47
CA GLN A 38 -35.57 -11.07 -2.37
C GLN A 38 -35.39 -12.36 -3.19
N GLN A 39 -36.18 -13.40 -2.91
CA GLN A 39 -36.00 -14.69 -3.61
C GLN A 39 -36.18 -14.40 -5.09
N LYS A 40 -37.11 -13.51 -5.41
CA LYS A 40 -37.28 -13.12 -6.83
C LYS A 40 -36.03 -12.42 -7.37
N LEU A 41 -35.47 -11.49 -6.61
CA LEU A 41 -34.24 -10.77 -7.03
C LEU A 41 -33.05 -11.72 -7.14
N GLU A 42 -32.94 -12.64 -6.18
CA GLU A 42 -31.87 -13.66 -6.26
C GLU A 42 -32.06 -14.53 -7.51
N GLN A 43 -33.27 -15.00 -7.75
CA GLN A 43 -33.57 -15.92 -8.87
C GLN A 43 -33.20 -15.23 -10.18
N GLU A 44 -33.42 -13.92 -10.25
CA GLU A 44 -33.15 -13.10 -11.46
C GLU A 44 -31.83 -12.35 -11.41
N ALA A 45 -30.91 -12.72 -10.51
CA ALA A 45 -29.68 -11.93 -10.35
C ALA A 45 -28.98 -11.85 -11.69
N GLN A 46 -28.90 -12.94 -12.41
CA GLN A 46 -28.27 -12.86 -13.75
C GLN A 46 -29.05 -11.98 -14.70
N LYS A 47 -30.38 -12.14 -14.67
CA LYS A 47 -31.18 -11.44 -15.68
C LYS A 47 -31.05 -9.93 -15.53
N ASN A 48 -31.17 -9.44 -14.30
CA ASN A 48 -31.08 -7.98 -14.10
C ASN A 48 -29.68 -7.54 -14.49
N TRP A 49 -28.70 -8.34 -14.16
CA TRP A 49 -27.35 -7.99 -14.62
C TRP A 49 -27.29 -8.04 -16.14
N ASP A 50 -27.91 -9.04 -16.72
CA ASP A 50 -27.97 -9.10 -18.19
C ASP A 50 -28.75 -7.91 -18.75
N LEU A 51 -29.87 -7.59 -18.13
CA LEU A 51 -30.65 -6.40 -18.56
C LEU A 51 -29.82 -5.13 -18.35
N PHE A 52 -29.10 -5.08 -17.24
CA PHE A 52 -28.25 -3.89 -17.02
C PHE A 52 -27.32 -3.74 -18.21
N TYR A 53 -26.66 -4.79 -18.62
CA TYR A 53 -25.78 -4.69 -19.80
C TYR A 53 -26.57 -4.40 -21.06
N LYS A 54 -27.86 -4.69 -21.04
CA LYS A 54 -28.60 -4.33 -22.26
C LYS A 54 -28.69 -2.83 -22.37
N ARG A 55 -29.44 -2.21 -21.46
CA ARG A 55 -29.70 -0.76 -21.61
C ARG A 55 -28.46 0.10 -21.53
N ASN A 56 -27.57 -0.21 -20.60
CA ASN A 56 -26.42 0.70 -20.38
C ASN A 56 -25.36 0.67 -21.46
N SER A 57 -24.64 1.78 -21.61
CA SER A 57 -23.49 1.89 -22.54
C SER A 57 -22.34 1.10 -21.92
N THR A 58 -21.34 0.76 -22.72
CA THR A 58 -20.23 -0.06 -22.19
C THR A 58 -19.59 0.75 -21.06
N ASN A 59 -19.45 2.07 -21.23
CA ASN A 59 -18.94 2.91 -20.12
C ASN A 59 -17.45 2.63 -19.86
N HIS A 65 -14.64 0.10 -11.87
CA HIS A 65 -13.43 0.92 -12.06
C HIS A 65 -12.28 0.20 -11.39
N TRP A 66 -11.08 0.19 -11.97
CA TRP A 66 -9.92 -0.42 -11.29
C TRP A 66 -8.91 0.65 -10.87
N THR A 67 -8.50 0.62 -9.61
CA THR A 67 -7.45 1.54 -9.17
C THR A 67 -6.09 1.00 -9.60
N THR A 68 -5.08 1.85 -9.53
CA THR A 68 -3.71 1.44 -9.91
C THR A 68 -3.33 0.30 -8.97
N ARG A 69 -3.96 0.26 -7.80
CA ARG A 69 -3.54 -0.74 -6.81
C ARG A 69 -3.73 -2.11 -7.45
N GLU A 70 -4.84 -2.28 -8.14
CA GLU A 70 -5.02 -3.55 -8.85
C GLU A 70 -3.83 -3.70 -9.80
N PHE A 71 -3.62 -2.71 -10.66
CA PHE A 71 -2.56 -2.87 -11.68
C PHE A 71 -1.21 -3.04 -11.02
N GLU A 72 -0.89 -2.17 -10.07
CA GLU A 72 0.43 -2.22 -9.40
C GLU A 72 0.60 -3.53 -8.65
N GLU A 73 -0.40 -3.94 -7.90
CA GLU A 73 -0.28 -5.25 -7.22
C GLU A 73 -0.30 -6.36 -8.27
N LEU A 74 -0.90 -6.10 -9.44
CA LEU A 74 -0.96 -7.24 -10.40
C LEU A 74 0.47 -7.66 -10.65
N ARG A 75 1.33 -6.71 -11.00
CA ARG A 75 2.76 -6.97 -11.34
C ARG A 75 3.52 -7.54 -10.13
N SER A 76 3.15 -7.18 -8.90
CA SER A 76 3.91 -7.67 -7.72
C SER A 76 3.78 -9.18 -7.54
N CYS A 77 2.90 -9.80 -8.31
CA CYS A 77 2.75 -11.27 -8.22
C CYS A 77 3.74 -11.88 -9.20
N ARG A 78 4.54 -11.05 -9.84
CA ARG A 78 5.46 -11.56 -10.88
C ARG A 78 6.89 -11.53 -10.35
N GLU A 79 7.58 -12.67 -10.42
CA GLU A 79 8.97 -12.75 -9.89
C GLU A 79 9.95 -12.40 -11.00
N PHE A 80 9.92 -13.13 -12.11
CA PHE A 80 10.75 -12.73 -13.27
C PHE A 80 10.16 -11.42 -13.76
N GLU A 81 11.00 -10.48 -14.18
CA GLU A 81 10.47 -9.15 -14.52
C GLU A 81 9.38 -9.28 -15.59
N ASP A 82 9.51 -10.20 -16.54
CA ASP A 82 8.41 -10.36 -17.50
C ASP A 82 7.75 -11.73 -17.33
N GLN A 83 7.71 -12.24 -16.11
CA GLN A 83 7.11 -13.57 -15.91
C GLN A 83 5.74 -13.55 -16.56
N LYS A 84 5.37 -14.65 -17.21
CA LYS A 84 4.02 -14.71 -17.79
C LYS A 84 3.08 -15.03 -16.64
N LEU A 85 2.04 -14.21 -16.48
CA LEU A 85 1.06 -14.50 -15.41
C LEU A 85 -0.29 -14.81 -16.04
N THR A 86 -1.03 -15.73 -15.43
CA THR A 86 -2.40 -16.00 -15.87
C THR A 86 -3.31 -15.49 -14.76
N MET A 87 -4.24 -14.65 -15.18
CA MET A 87 -5.15 -14.04 -14.21
C MET A 87 -6.58 -14.38 -14.56
N LEU A 88 -7.37 -14.70 -13.56
CA LEU A 88 -8.82 -14.82 -13.79
C LEU A 88 -9.44 -13.53 -13.29
N GLU A 89 -10.06 -12.79 -14.19
CA GLU A 89 -10.82 -11.64 -13.69
C GLU A 89 -12.27 -12.10 -13.65
N ALA A 90 -12.69 -12.42 -12.43
CA ALA A 90 -14.05 -12.88 -12.16
C ALA A 90 -14.99 -11.70 -12.26
N GLY A 91 -16.17 -11.94 -12.78
CA GLY A 91 -17.10 -10.83 -12.98
C GLY A 91 -16.56 -9.78 -13.91
N CYS A 92 -16.14 -10.20 -15.07
CA CYS A 92 -15.45 -9.30 -16.01
C CYS A 92 -16.30 -8.11 -16.48
N GLY A 93 -17.62 -8.22 -16.46
CA GLY A 93 -18.40 -7.15 -17.07
C GLY A 93 -17.93 -6.97 -18.51
N VAL A 94 -17.89 -5.74 -18.98
CA VAL A 94 -17.48 -5.47 -20.38
C VAL A 94 -15.96 -5.53 -20.39
N GLY A 95 -15.37 -5.75 -19.23
CA GLY A 95 -13.92 -5.77 -19.15
C GLY A 95 -13.34 -4.46 -19.64
N ASN A 96 -14.01 -3.36 -19.33
CA ASN A 96 -13.50 -2.04 -19.72
C ASN A 96 -12.19 -1.77 -19.00
N CYS A 97 -12.10 -2.13 -17.74
CA CYS A 97 -10.83 -2.00 -17.00
C CYS A 97 -9.76 -2.98 -17.43
N LEU A 98 -10.16 -4.22 -17.66
CA LEU A 98 -9.17 -5.25 -18.03
C LEU A 98 -8.51 -4.98 -19.38
N PHE A 99 -9.29 -4.60 -20.38
CA PHE A 99 -8.72 -4.55 -21.74
C PHE A 99 -7.52 -3.61 -21.85
N PRO A 100 -7.48 -2.44 -21.20
CA PRO A 100 -6.24 -1.67 -21.22
C PRO A 100 -5.11 -2.43 -20.53
N LEU A 101 -5.42 -3.13 -19.44
CA LEU A 101 -4.38 -3.87 -18.71
C LEU A 101 -3.74 -4.90 -19.63
N LEU A 102 -4.54 -5.50 -20.51
CA LEU A 102 -3.94 -6.42 -21.50
C LEU A 102 -2.91 -5.68 -22.36
N GLU A 103 -3.24 -4.46 -22.78
CA GLU A 103 -2.27 -3.65 -23.56
C GLU A 103 -1.13 -3.19 -22.65
N GLU A 104 -1.44 -2.71 -21.45
CA GLU A 104 -0.38 -2.16 -20.56
C GLU A 104 0.64 -3.26 -20.23
N ASP A 105 0.16 -4.46 -19.92
CA ASP A 105 1.10 -5.59 -19.69
C ASP A 105 0.82 -6.63 -20.77
N PRO A 106 1.76 -6.91 -21.69
CA PRO A 106 1.50 -7.81 -22.81
C PRO A 106 1.82 -9.28 -22.53
N ASN A 107 2.39 -9.53 -21.35
CA ASN A 107 2.85 -10.89 -21.00
C ASN A 107 1.99 -11.51 -19.89
N ILE A 108 0.69 -11.20 -19.85
CA ILE A 108 -0.23 -11.88 -18.89
C ILE A 108 -1.41 -12.48 -19.66
N PHE A 109 -1.93 -13.63 -19.21
CA PHE A 109 -3.13 -14.21 -19.86
C PHE A 109 -4.33 -13.96 -18.94
N ALA A 110 -5.49 -13.63 -19.52
CA ALA A 110 -6.67 -13.30 -18.72
C ALA A 110 -7.80 -14.29 -18.99
N TYR A 111 -8.00 -15.20 -18.06
CA TYR A 111 -9.26 -15.93 -18.11
C TYR A 111 -10.29 -14.97 -17.52
N ALA A 112 -11.24 -14.55 -18.34
CA ALA A 112 -12.27 -13.61 -17.89
C ALA A 112 -13.63 -14.29 -17.96
N CYS A 113 -14.36 -14.27 -16.87
CA CYS A 113 -15.73 -14.77 -16.95
C CYS A 113 -16.71 -13.81 -16.31
N ASP A 114 -17.96 -13.89 -16.76
CA ASP A 114 -19.05 -13.12 -16.17
C ASP A 114 -20.32 -13.90 -16.49
N PHE A 115 -21.32 -13.81 -15.65
CA PHE A 115 -22.53 -14.56 -15.98
C PHE A 115 -23.49 -13.79 -16.88
N SER A 116 -23.24 -12.54 -17.20
CA SER A 116 -24.14 -11.87 -18.16
C SER A 116 -23.73 -12.21 -19.58
N PRO A 117 -24.61 -12.83 -20.38
CA PRO A 117 -24.22 -13.12 -21.75
C PRO A 117 -23.92 -11.87 -22.57
N ARG A 118 -24.75 -10.84 -22.41
CA ARG A 118 -24.46 -9.59 -23.12
C ARG A 118 -23.11 -9.04 -22.67
N ALA A 119 -22.81 -9.18 -21.37
CA ALA A 119 -21.50 -8.73 -20.93
C ALA A 119 -20.43 -9.43 -21.75
N ILE A 120 -20.52 -10.74 -21.91
CA ILE A 120 -19.42 -11.47 -22.57
C ILE A 120 -19.28 -11.03 -24.02
N GLU A 121 -20.40 -10.92 -24.71
CA GLU A 121 -20.30 -10.54 -26.13
C GLU A 121 -19.76 -9.12 -26.23
N TYR A 122 -20.15 -8.28 -25.28
CA TYR A 122 -19.63 -6.91 -25.33
C TYR A 122 -18.11 -6.94 -25.28
N VAL A 123 -17.53 -7.79 -24.46
CA VAL A 123 -16.06 -7.99 -24.53
C VAL A 123 -15.67 -8.75 -25.79
N LYS A 124 -16.52 -9.68 -26.21
CA LYS A 124 -16.21 -10.41 -27.48
C LYS A 124 -16.18 -9.40 -28.64
N GLN A 125 -17.16 -8.50 -28.71
CA GLN A 125 -17.25 -7.51 -29.81
C GLN A 125 -16.05 -6.56 -29.80
N ASN A 126 -15.54 -6.20 -28.62
CA ASN A 126 -14.47 -5.17 -28.55
C ASN A 126 -13.32 -5.59 -29.46
N PRO A 127 -12.80 -4.68 -30.32
CA PRO A 127 -11.67 -4.97 -31.20
C PRO A 127 -10.42 -5.35 -30.41
N LEU A 128 -10.28 -4.80 -29.21
CA LEU A 128 -9.02 -5.05 -28.49
C LEU A 128 -8.96 -6.54 -28.14
N TYR A 129 -10.09 -7.22 -28.19
CA TYR A 129 -10.09 -8.65 -27.83
C TYR A 129 -9.02 -9.38 -28.63
N ASP A 130 -8.15 -10.12 -27.94
CA ASP A 130 -7.11 -10.93 -28.60
C ASP A 130 -7.25 -12.34 -28.04
N THR A 131 -7.82 -13.26 -28.81
CA THR A 131 -8.09 -14.62 -28.30
C THR A 131 -6.84 -15.16 -27.61
N GLU A 132 -5.66 -14.77 -28.07
CA GLU A 132 -4.43 -15.18 -27.33
C GLU A 132 -4.32 -14.55 -25.95
N ARG A 133 -4.75 -13.31 -25.81
CA ARG A 133 -4.66 -12.60 -24.52
C ARG A 133 -5.61 -13.09 -23.44
N CYS A 134 -6.82 -13.47 -23.86
CA CYS A 134 -7.85 -13.78 -22.87
C CYS A 134 -8.89 -14.77 -23.37
N LYS A 135 -9.33 -15.63 -22.46
CA LYS A 135 -10.43 -16.56 -22.76
C LYS A 135 -11.62 -16.04 -21.96
N VAL A 136 -12.66 -15.62 -22.67
CA VAL A 136 -13.84 -15.08 -21.96
C VAL A 136 -15.00 -16.07 -22.07
N PHE A 137 -15.74 -16.23 -20.98
CA PHE A 137 -16.81 -17.24 -20.96
C PHE A 137 -17.88 -16.93 -19.91
N GLN A 138 -19.13 -17.16 -20.29
CA GLN A 138 -20.23 -17.01 -19.33
C GLN A 138 -20.07 -18.00 -18.19
N CYS A 139 -20.05 -17.50 -16.97
CA CYS A 139 -20.06 -18.39 -15.80
C CYS A 139 -20.79 -17.67 -14.70
N ASP A 140 -21.77 -18.33 -14.12
CA ASP A 140 -22.31 -17.85 -12.85
C ASP A 140 -21.42 -18.53 -11.82
N LEU A 141 -20.64 -17.74 -11.12
CA LEU A 141 -19.64 -18.26 -10.16
C LEU A 141 -20.29 -18.98 -8.98
N THR A 142 -21.58 -18.83 -8.77
CA THR A 142 -22.14 -19.56 -7.63
C THR A 142 -22.71 -20.86 -8.16
N LYS A 143 -22.63 -21.07 -9.44
CA LYS A 143 -23.26 -22.28 -10.00
C LYS A 143 -22.32 -23.12 -10.86
N ASP A 144 -21.43 -22.47 -11.60
CA ASP A 144 -20.62 -23.21 -12.59
C ASP A 144 -19.22 -23.44 -12.05
N ASP A 145 -18.80 -24.69 -12.07
CA ASP A 145 -17.42 -25.02 -11.64
C ASP A 145 -16.47 -24.34 -12.64
N LEU A 146 -15.49 -23.62 -12.11
CA LEU A 146 -14.56 -22.88 -12.98
C LEU A 146 -13.63 -23.82 -13.71
N LEU A 147 -13.46 -25.01 -13.21
CA LEU A 147 -12.62 -26.02 -13.90
C LEU A 147 -13.23 -26.37 -15.27
N ASP A 148 -14.47 -26.00 -15.55
CA ASP A 148 -14.98 -26.18 -16.93
C ASP A 148 -14.11 -25.41 -17.92
N HIS A 149 -13.60 -24.24 -17.53
CA HIS A 149 -12.83 -23.44 -18.49
C HIS A 149 -11.40 -23.11 -18.07
N VAL A 150 -11.09 -23.18 -16.79
CA VAL A 150 -9.74 -22.80 -16.32
C VAL A 150 -9.12 -24.01 -15.64
N PRO A 151 -7.93 -24.42 -16.07
CA PRO A 151 -7.34 -25.61 -15.52
C PRO A 151 -7.05 -25.43 -14.04
N PRO A 152 -7.19 -26.46 -13.22
CA PRO A 152 -7.09 -26.28 -11.79
C PRO A 152 -5.70 -25.83 -11.38
N GLU A 153 -5.66 -24.92 -10.41
CA GLU A 153 -4.41 -24.36 -9.92
C GLU A 153 -3.66 -23.71 -11.08
N SER A 154 -4.36 -23.27 -12.08
CA SER A 154 -3.70 -22.65 -13.24
C SER A 154 -3.44 -21.15 -13.10
N VAL A 155 -4.23 -20.43 -12.31
CA VAL A 155 -4.15 -18.95 -12.40
C VAL A 155 -3.26 -18.37 -11.32
N ASP A 156 -2.47 -17.40 -11.73
CA ASP A 156 -1.57 -16.68 -10.79
C ASP A 156 -2.30 -15.72 -9.86
N VAL A 157 -3.31 -15.06 -10.41
CA VAL A 157 -4.03 -14.04 -9.63
C VAL A 157 -5.48 -13.99 -10.10
N VAL A 158 -6.38 -13.94 -9.15
CA VAL A 158 -7.81 -13.74 -9.45
C VAL A 158 -8.19 -12.33 -8.98
N MET A 159 -8.95 -11.61 -9.79
CA MET A 159 -9.41 -10.26 -9.42
C MET A 159 -10.90 -10.33 -9.10
N LEU A 160 -11.23 -10.10 -7.85
CA LEU A 160 -12.64 -10.01 -7.45
C LEU A 160 -13.05 -8.55 -7.30
N ILE A 161 -13.20 -7.89 -8.41
CA ILE A 161 -13.38 -6.42 -8.36
C ILE A 161 -14.85 -6.08 -8.54
N PHE A 162 -15.47 -5.59 -7.47
CA PHE A 162 -16.88 -5.13 -7.49
C PHE A 162 -17.80 -6.22 -8.02
N VAL A 163 -17.56 -7.43 -7.55
CA VAL A 163 -18.39 -8.57 -7.96
C VAL A 163 -19.04 -9.24 -6.77
N LEU A 164 -18.28 -9.46 -5.73
CA LEU A 164 -18.85 -10.22 -4.60
C LEU A 164 -20.07 -9.46 -4.04
N SER A 165 -20.12 -8.14 -4.15
CA SER A 165 -21.29 -7.36 -3.67
C SER A 165 -22.55 -7.72 -4.43
N ALA A 166 -22.40 -8.10 -5.71
CA ALA A 166 -23.57 -8.57 -6.46
C ALA A 166 -24.15 -9.85 -5.88
N VAL A 167 -23.32 -10.79 -5.53
CA VAL A 167 -23.92 -12.10 -5.21
C VAL A 167 -24.53 -12.07 -3.82
N HIS A 168 -25.50 -12.92 -3.64
CA HIS A 168 -26.16 -12.95 -2.33
C HIS A 168 -25.15 -13.40 -1.29
N PRO A 169 -25.16 -12.80 -0.08
CA PRO A 169 -24.19 -13.15 0.94
C PRO A 169 -24.22 -14.64 1.26
N ASP A 170 -25.39 -15.24 1.19
CA ASP A 170 -25.51 -16.69 1.45
C ASP A 170 -24.65 -17.45 0.48
N LYS A 171 -24.54 -16.98 -0.75
CA LYS A 171 -23.81 -17.72 -1.79
C LYS A 171 -22.40 -17.18 -2.02
N MET A 172 -21.91 -16.25 -1.23
CA MET A 172 -20.60 -15.65 -1.56
C MET A 172 -19.44 -16.63 -1.44
N HIS A 173 -19.46 -17.42 -0.40
CA HIS A 173 -18.39 -18.41 -0.18
C HIS A 173 -18.36 -19.33 -1.40
N LEU A 174 -19.50 -19.55 -2.01
CA LEU A 174 -19.50 -20.37 -3.23
C LEU A 174 -18.59 -19.71 -4.28
N VAL A 175 -18.67 -18.40 -4.42
CA VAL A 175 -17.76 -17.79 -5.40
C VAL A 175 -16.33 -18.03 -4.95
N LEU A 176 -16.08 -17.93 -3.66
CA LEU A 176 -14.71 -18.11 -3.16
C LEU A 176 -14.23 -19.55 -3.32
N GLN A 177 -15.11 -20.53 -3.09
CA GLN A 177 -14.73 -21.93 -3.35
C GLN A 177 -14.43 -22.12 -4.83
N ASN A 178 -15.22 -21.52 -5.68
CA ASN A 178 -15.04 -21.74 -7.13
C ASN A 178 -13.68 -21.21 -7.56
N ILE A 179 -13.20 -20.16 -6.92
CA ILE A 179 -11.94 -19.57 -7.43
C ILE A 179 -10.74 -20.15 -6.74
N TYR A 180 -10.93 -20.72 -5.56
CA TYR A 180 -9.80 -21.39 -4.90
C TYR A 180 -9.30 -22.48 -5.85
N LYS A 181 -10.20 -23.18 -6.51
CA LYS A 181 -9.84 -24.33 -7.37
C LYS A 181 -8.86 -23.88 -8.45
N VAL A 182 -8.94 -22.62 -8.84
CA VAL A 182 -8.14 -22.20 -10.01
C VAL A 182 -6.86 -21.52 -9.56
N LEU A 183 -6.76 -21.18 -8.29
CA LEU A 183 -5.61 -20.38 -7.82
C LEU A 183 -4.41 -21.28 -7.57
N LYS A 184 -3.24 -20.87 -8.06
CA LYS A 184 -2.03 -21.66 -7.79
C LYS A 184 -1.90 -21.68 -6.29
N PRO A 185 -1.42 -22.79 -5.69
CA PRO A 185 -1.42 -22.90 -4.23
C PRO A 185 -0.67 -21.81 -3.46
N GLY A 186 0.18 -21.02 -4.11
CA GLY A 186 0.76 -19.91 -3.34
C GLY A 186 0.22 -18.57 -3.77
N LYS A 187 -0.68 -18.57 -4.75
CA LYS A 187 -1.12 -17.28 -5.34
C LYS A 187 -2.28 -16.61 -4.58
N SER A 188 -2.72 -15.45 -5.06
CA SER A 188 -3.66 -14.64 -4.27
C SER A 188 -4.88 -14.09 -5.00
N VAL A 189 -5.90 -13.68 -4.25
CA VAL A 189 -7.09 -12.99 -4.81
C VAL A 189 -6.96 -11.49 -4.51
N LEU A 190 -7.08 -10.69 -5.55
CA LEU A 190 -7.12 -9.23 -5.41
C LEU A 190 -8.59 -8.85 -5.39
N PHE A 191 -9.02 -8.30 -4.28
CA PHE A 191 -10.43 -7.99 -4.08
C PHE A 191 -10.63 -6.52 -3.76
N ARG A 192 -11.44 -5.84 -4.56
CA ARG A 192 -11.95 -4.52 -4.20
C ARG A 192 -13.47 -4.58 -4.26
N ASP A 193 -14.13 -3.97 -3.30
CA ASP A 193 -15.59 -3.95 -3.41
C ASP A 193 -16.18 -2.86 -2.53
N TYR A 194 -17.46 -2.64 -2.70
CA TYR A 194 -18.16 -1.64 -1.86
C TYR A 194 -17.93 -1.98 -0.39
N GLY A 195 -17.65 -0.95 0.39
CA GLY A 195 -17.39 -1.18 1.81
C GLY A 195 -18.46 -0.54 2.65
N LEU A 196 -18.46 -0.87 3.92
CA LEU A 196 -19.49 -0.36 4.85
C LEU A 196 -19.52 1.16 4.81
N TYR A 197 -20.72 1.70 4.87
CA TYR A 197 -20.96 3.16 4.93
C TYR A 197 -20.43 3.85 3.69
N ASP A 198 -20.32 3.13 2.59
CA ASP A 198 -19.94 3.75 1.32
C ASP A 198 -21.08 4.69 0.93
N HIS A 199 -20.79 5.66 0.05
CA HIS A 199 -21.79 6.68 -0.38
C HIS A 199 -23.10 6.00 -0.74
N ALA A 200 -23.00 4.99 -1.59
CA ALA A 200 -24.24 4.36 -2.05
C ALA A 200 -25.01 3.80 -0.87
N MET A 201 -24.34 3.28 0.11
CA MET A 201 -25.04 2.71 1.27
C MET A 201 -25.77 3.79 2.04
N LEU A 202 -25.17 4.96 2.12
CA LEU A 202 -25.80 6.10 2.82
C LEU A 202 -26.83 6.80 1.94
N ARG A 203 -26.86 6.52 0.64
CA ARG A 203 -27.92 7.09 -0.22
C ARG A 203 -29.21 6.26 -0.22
N PHE A 204 -29.12 4.97 0.02
CA PHE A 204 -30.32 4.13 -0.15
C PHE A 204 -31.35 4.38 0.92
N LYS A 205 -32.62 4.29 0.51
CA LYS A 205 -33.76 4.40 1.44
C LYS A 205 -34.01 3.04 2.07
N ALA A 206 -34.66 3.02 3.22
CA ALA A 206 -34.82 1.74 3.94
C ALA A 206 -35.64 0.81 3.06
N SER A 207 -36.32 1.34 2.04
CA SER A 207 -37.06 0.54 1.04
C SER A 207 -36.19 -0.26 0.06
N SER A 208 -34.94 0.13 -0.16
CA SER A 208 -34.04 -0.68 -0.99
C SER A 208 -33.28 -1.71 -0.14
N LYS A 209 -33.52 -1.74 1.17
CA LYS A 209 -32.66 -2.55 2.06
C LYS A 209 -33.13 -4.00 2.13
N LEU A 210 -32.41 -4.89 1.47
CA LEU A 210 -32.68 -6.35 1.59
C LEU A 210 -32.36 -6.86 2.99
N GLY A 211 -31.45 -6.21 3.68
CA GLY A 211 -31.01 -6.73 4.96
C GLY A 211 -29.78 -5.96 5.40
N GLU A 212 -29.19 -6.43 6.50
CA GLU A 212 -28.10 -5.60 7.07
C GLU A 212 -26.96 -5.45 6.06
N ASN A 213 -26.67 -4.21 5.76
CA ASN A 213 -25.61 -3.84 4.81
C ASN A 213 -25.88 -4.44 3.44
N PHE A 214 -27.12 -4.81 3.16
CA PHE A 214 -27.45 -5.48 1.88
C PHE A 214 -28.59 -4.72 1.21
N TYR A 215 -28.38 -4.27 -0.01
CA TYR A 215 -29.34 -3.37 -0.67
C TYR A 215 -29.52 -3.77 -2.13
N VAL A 216 -30.68 -3.40 -2.68
CA VAL A 216 -30.94 -3.64 -4.12
C VAL A 216 -30.96 -2.30 -4.84
N ARG A 217 -30.13 -2.18 -5.86
CA ARG A 217 -30.17 -1.00 -6.74
C ARG A 217 -31.48 -1.03 -7.51
N GLN A 218 -31.84 0.11 -8.09
CA GLN A 218 -33.18 0.18 -8.74
C GLN A 218 -33.29 -0.84 -9.87
N ASP A 219 -32.22 -1.07 -10.61
CA ASP A 219 -32.27 -1.97 -11.78
C ASP A 219 -32.28 -3.43 -11.32
N GLY A 220 -32.34 -3.68 -10.02
CA GLY A 220 -32.52 -5.04 -9.47
C GLY A 220 -31.20 -5.72 -9.16
N THR A 221 -30.10 -5.22 -9.71
CA THR A 221 -28.79 -5.67 -9.27
C THR A 221 -28.65 -5.26 -7.82
N ARG A 222 -27.93 -6.06 -7.06
CA ARG A 222 -27.78 -5.79 -5.62
C ARG A 222 -26.39 -5.29 -5.26
N SER A 223 -26.33 -4.59 -4.14
CA SER A 223 -25.05 -4.15 -3.59
C SER A 223 -25.00 -4.62 -2.16
N TYR A 224 -24.02 -5.42 -1.84
CA TYR A 224 -23.79 -5.77 -0.45
C TYR A 224 -22.58 -4.95 -0.02
N PHE A 225 -22.66 -4.38 1.17
CA PHE A 225 -21.65 -3.40 1.60
C PHE A 225 -20.82 -4.10 2.65
N PHE A 226 -19.58 -4.33 2.27
CA PHE A 226 -18.75 -5.24 3.05
C PHE A 226 -18.19 -4.60 4.28
N THR A 227 -17.96 -5.46 5.26
CA THR A 227 -17.27 -5.06 6.49
C THR A 227 -16.02 -5.91 6.46
N ASP A 228 -14.94 -5.45 7.08
CA ASP A 228 -13.66 -6.17 7.00
C ASP A 228 -13.84 -7.57 7.58
N ASP A 229 -14.55 -7.67 8.69
CA ASP A 229 -14.68 -8.98 9.35
C ASP A 229 -15.44 -9.94 8.45
N PHE A 230 -16.52 -9.49 7.83
CA PHE A 230 -17.35 -10.44 7.06
C PHE A 230 -16.53 -11.02 5.92
N LEU A 231 -15.82 -10.18 5.19
CA LEU A 231 -15.07 -10.70 4.03
C LEU A 231 -14.00 -11.63 4.57
N ALA A 232 -13.42 -11.28 5.71
CA ALA A 232 -12.32 -12.08 6.24
C ALA A 232 -12.81 -13.49 6.55
N GLN A 233 -13.98 -13.56 7.16
CA GLN A 233 -14.52 -14.87 7.52
C GLN A 233 -14.82 -15.57 6.20
N LEU A 234 -15.38 -14.85 5.24
CA LEU A 234 -15.67 -15.58 4.00
C LEU A 234 -14.36 -16.19 3.51
N PHE A 235 -13.30 -15.40 3.44
CA PHE A 235 -12.05 -15.96 2.94
C PHE A 235 -11.47 -16.98 3.90
N MET A 236 -11.61 -16.78 5.19
CA MET A 236 -11.09 -17.81 6.12
C MET A 236 -11.88 -19.09 5.90
N ASP A 237 -13.20 -18.99 5.89
CA ASP A 237 -14.00 -20.23 5.75
C ASP A 237 -13.62 -20.98 4.49
N THR A 238 -13.38 -20.27 3.42
CA THR A 238 -13.15 -20.91 2.12
C THR A 238 -11.68 -21.26 1.95
N GLY A 239 -10.90 -21.15 3.00
CA GLY A 239 -9.52 -21.67 3.00
C GLY A 239 -8.42 -20.73 2.62
N TYR A 240 -8.71 -19.46 2.39
CA TYR A 240 -7.63 -18.51 2.09
C TYR A 240 -7.03 -17.89 3.34
N GLU A 241 -5.96 -17.14 3.13
CA GLU A 241 -5.25 -16.46 4.23
C GLU A 241 -5.16 -14.98 3.95
N GLU A 242 -5.44 -14.17 4.97
CA GLU A 242 -5.53 -12.70 4.77
C GLU A 242 -4.16 -12.06 4.60
N VAL A 243 -3.96 -11.41 3.46
CA VAL A 243 -2.76 -10.58 3.33
C VAL A 243 -3.19 -9.16 3.71
N VAL A 244 -3.92 -8.48 2.84
CA VAL A 244 -4.43 -7.12 3.17
C VAL A 244 -5.96 -7.11 3.25
N ASN A 245 -6.55 -6.52 4.29
CA ASN A 245 -8.03 -6.34 4.38
C ASN A 245 -8.25 -4.96 4.98
N GLU A 246 -8.23 -3.92 4.17
CA GLU A 246 -8.33 -2.55 4.71
C GLU A 246 -9.40 -1.75 3.98
N TYR A 247 -10.17 -0.97 4.71
CA TYR A 247 -11.15 -0.08 4.06
C TYR A 247 -10.34 0.99 3.35
N VAL A 248 -10.81 1.43 2.20
CA VAL A 248 -10.12 2.50 1.45
C VAL A 248 -11.16 3.57 1.17
N PHE A 249 -10.80 4.82 1.39
CA PHE A 249 -11.79 5.91 1.24
C PHE A 249 -11.40 6.74 0.04
N ARG A 250 -12.35 7.02 -0.84
CA ARG A 250 -12.00 7.71 -2.11
C ARG A 250 -13.02 8.78 -2.45
N GLU A 251 -12.64 9.70 -3.34
CA GLU A 251 -13.53 10.83 -3.70
C GLU A 251 -14.31 10.51 -4.96
N THR A 252 -15.63 10.48 -4.82
CA THR A 252 -16.51 10.14 -5.94
C THR A 252 -16.41 11.23 -7.01
N VAL A 253 -16.40 10.82 -8.27
CA VAL A 253 -16.38 11.80 -9.38
C VAL A 253 -17.77 12.35 -9.71
N LEU A 259 -20.47 17.89 -4.57
CA LEU A 259 -21.18 17.19 -3.46
C LEU A 259 -20.58 15.80 -3.28
N CYS A 260 -19.56 15.67 -2.42
CA CYS A 260 -18.89 14.35 -2.35
C CYS A 260 -18.79 13.79 -0.93
N VAL A 261 -19.41 12.63 -0.70
CA VAL A 261 -19.23 11.93 0.58
C VAL A 261 -18.28 10.84 0.15
N PRO A 262 -17.29 10.47 0.96
CA PRO A 262 -16.32 9.54 0.50
C PRO A 262 -16.96 8.24 0.04
N ARG A 263 -16.40 7.66 -1.01
CA ARG A 263 -16.84 6.31 -1.38
C ARG A 263 -15.99 5.41 -0.49
N VAL A 264 -16.63 4.45 0.15
CA VAL A 264 -15.85 3.51 0.98
C VAL A 264 -15.73 2.20 0.23
N PHE A 265 -14.50 1.85 -0.10
CA PHE A 265 -14.25 0.55 -0.77
C PHE A 265 -13.41 -0.32 0.14
N LEU A 266 -13.87 -1.53 0.42
CA LEU A 266 -13.10 -2.52 1.16
C LEU A 266 -12.14 -3.10 0.13
N GLN A 267 -10.85 -2.99 0.42
CA GLN A 267 -9.79 -3.37 -0.52
C GLN A 267 -8.94 -4.43 0.14
N SER A 268 -8.79 -5.56 -0.52
CA SER A 268 -8.14 -6.66 0.22
C SER A 268 -7.34 -7.59 -0.67
N LYS A 269 -6.41 -8.30 -0.06
CA LYS A 269 -5.65 -9.34 -0.78
C LYS A 269 -5.71 -10.59 0.08
N PHE A 270 -6.02 -11.71 -0.53
CA PHE A 270 -6.10 -12.96 0.25
C PHE A 270 -5.25 -13.99 -0.49
N LEU A 271 -4.75 -14.98 0.23
CA LEU A 271 -3.79 -15.90 -0.41
C LEU A 271 -4.23 -17.35 -0.30
N LYS A 272 -3.97 -18.13 -1.34
CA LYS A 272 -4.22 -19.58 -1.24
C LYS A 272 -3.01 -20.14 -0.52
N PRO A 273 -3.18 -20.84 0.59
CA PRO A 273 -2.04 -21.26 1.37
C PRO A 273 -1.20 -22.25 0.57
N PRO A 274 0.14 -22.16 0.64
CA PRO A 274 1.02 -23.07 -0.09
C PRO A 274 1.08 -24.47 0.55
N LYS A 275 1.63 -25.46 -0.18
CA LYS A 275 1.77 -26.83 0.37
C LYS A 275 3.21 -27.08 0.82
N SER B 20 -25.51 -5.26 23.00
CA SER B 20 -24.64 -6.46 22.81
C SER B 20 -24.35 -6.68 21.33
N GLU B 21 -25.40 -6.73 20.53
CA GLU B 21 -25.24 -6.67 19.04
C GLU B 21 -24.64 -5.32 18.67
N GLU B 22 -25.06 -4.28 19.37
CA GLU B 22 -24.47 -2.94 19.16
C GLU B 22 -22.97 -3.06 19.45
N GLU B 23 -22.56 -3.96 20.34
CA GLU B 23 -21.12 -4.05 20.57
C GLU B 23 -20.40 -4.43 19.29
N GLU B 24 -20.93 -5.38 18.52
CA GLU B 24 -20.23 -5.76 17.28
C GLU B 24 -20.16 -4.57 16.34
N LYS B 25 -21.23 -3.82 16.24
CA LYS B 25 -21.28 -2.74 15.23
C LYS B 25 -20.14 -1.76 15.51
N LEU B 26 -19.90 -1.44 16.77
CA LEU B 26 -18.79 -0.51 17.11
C LEU B 26 -17.43 -1.08 16.74
N LYS B 27 -17.25 -2.36 16.96
CA LYS B 27 -15.98 -2.96 16.51
C LYS B 27 -15.84 -2.71 15.00
N ARG B 28 -16.91 -2.89 14.23
CA ARG B 28 -16.87 -2.60 12.79
C ARG B 28 -16.59 -1.12 12.56
N ASP B 29 -17.20 -0.24 13.36
CA ASP B 29 -17.00 1.22 13.24
C ASP B 29 -15.58 1.64 13.57
N GLN B 30 -15.03 1.05 14.63
CA GLN B 30 -13.65 1.38 14.99
C GLN B 30 -12.71 1.04 13.83
N THR B 31 -12.90 -0.12 13.20
CA THR B 31 -11.98 -0.45 12.11
C THR B 31 -12.13 0.54 10.96
N LEU B 32 -13.37 0.83 10.59
CA LEU B 32 -13.56 1.76 9.47
C LEU B 32 -13.04 3.16 9.82
N VAL B 33 -13.36 3.62 11.02
CA VAL B 33 -12.86 4.97 11.38
C VAL B 33 -11.34 4.94 11.46
N SER B 34 -10.79 3.93 12.13
CA SER B 34 -9.30 3.81 12.24
C SER B 34 -8.66 3.84 10.86
N ASP B 35 -9.20 3.07 9.92
CA ASP B 35 -8.60 3.01 8.56
C ASP B 35 -8.68 4.39 7.93
N PHE B 36 -9.80 5.10 8.14
CA PHE B 36 -9.94 6.46 7.61
C PHE B 36 -8.88 7.35 8.23
N LYS B 37 -8.67 7.21 9.55
CA LYS B 37 -7.69 8.07 10.25
C LYS B 37 -6.29 7.80 9.68
N GLN B 38 -5.95 6.53 9.52
CA GLN B 38 -4.59 6.18 9.04
C GLN B 38 -4.44 6.68 7.60
N GLN B 39 -5.49 6.52 6.80
CA GLN B 39 -5.36 6.91 5.37
C GLN B 39 -5.10 8.42 5.33
N LYS B 40 -5.84 9.18 6.13
CA LYS B 40 -5.65 10.65 6.17
C LYS B 40 -4.22 10.93 6.59
N LEU B 41 -3.76 10.27 7.66
CA LEU B 41 -2.41 10.57 8.16
C LEU B 41 -1.44 10.22 7.05
N GLU B 42 -1.72 9.15 6.32
CA GLU B 42 -0.83 8.84 5.21
C GLU B 42 -0.95 9.80 4.04
N GLN B 43 -2.16 10.10 3.66
CA GLN B 43 -2.25 10.96 2.47
C GLN B 43 -1.87 12.39 2.86
N GLU B 44 -1.72 12.67 4.13
CA GLU B 44 -1.25 14.03 4.51
C GLU B 44 0.12 14.00 5.15
N ALA B 45 0.88 12.93 4.92
CA ALA B 45 2.17 12.85 5.62
C ALA B 45 3.06 14.02 5.22
N GLN B 46 3.21 14.28 3.92
CA GLN B 46 4.06 15.40 3.49
C GLN B 46 3.48 16.71 4.00
N LYS B 47 2.15 16.86 3.99
CA LYS B 47 1.61 18.15 4.44
C LYS B 47 1.86 18.38 5.92
N ASN B 48 1.63 17.36 6.73
CA ASN B 48 1.85 17.52 8.17
C ASN B 48 3.31 17.86 8.45
N TRP B 49 4.24 17.21 7.76
CA TRP B 49 5.66 17.60 7.92
C TRP B 49 5.91 18.99 7.37
N ASP B 50 5.34 19.29 6.23
CA ASP B 50 5.55 20.65 5.72
C ASP B 50 4.98 21.63 6.73
N LEU B 51 3.83 21.31 7.31
CA LEU B 51 3.21 22.18 8.34
C LEU B 51 4.07 22.27 9.60
N PHE B 52 4.65 21.17 10.01
CA PHE B 52 5.52 21.20 11.19
C PHE B 52 6.62 22.22 10.91
N TYR B 53 7.15 22.24 9.69
CA TYR B 53 8.16 23.24 9.32
C TYR B 53 7.61 24.65 9.12
N LYS B 54 6.37 24.76 8.70
CA LYS B 54 5.77 26.11 8.63
C LYS B 54 5.67 26.71 10.02
N ARG B 55 5.30 25.88 11.01
CA ARG B 55 4.97 26.44 12.33
C ARG B 55 6.22 26.70 13.17
N ASN B 56 6.94 25.66 13.49
CA ASN B 56 8.18 25.77 14.30
C ASN B 56 9.37 25.85 13.36
N SER B 57 9.48 26.98 12.69
CA SER B 57 10.66 27.16 11.82
C SER B 57 11.95 27.19 12.64
N THR B 58 11.95 27.95 13.73
CA THR B 58 13.22 28.36 14.39
C THR B 58 14.05 27.23 15.00
N ASN B 59 13.39 26.24 15.59
CA ASN B 59 14.12 25.24 16.41
C ASN B 59 15.01 24.28 15.62
N PHE B 60 16.05 23.81 16.28
CA PHE B 60 16.94 22.81 15.65
C PHE B 60 17.09 21.61 16.60
N THR B 67 24.08 12.82 15.73
CA THR B 67 24.94 12.99 16.92
C THR B 67 26.38 12.57 16.62
N THR B 68 27.14 12.21 17.64
CA THR B 68 28.59 11.94 17.47
C THR B 68 28.88 10.74 16.55
N ARG B 69 28.13 9.65 16.67
CA ARG B 69 28.52 8.43 15.91
C ARG B 69 28.52 8.74 14.43
N GLU B 70 27.55 9.52 13.98
CA GLU B 70 27.40 9.76 12.54
C GLU B 70 28.67 10.42 11.99
N PHE B 71 29.25 11.37 12.73
CA PHE B 71 30.52 11.96 12.24
C PHE B 71 31.61 10.88 12.32
N GLU B 72 31.82 10.37 13.53
CA GLU B 72 32.86 9.35 13.71
C GLU B 72 32.64 8.22 12.70
N GLU B 73 31.39 7.83 12.47
CA GLU B 73 31.20 6.75 11.49
C GLU B 73 31.67 7.20 10.12
N LEU B 74 31.47 8.47 9.80
CA LEU B 74 31.78 8.91 8.42
C LEU B 74 33.26 8.73 8.13
N ARG B 75 34.11 9.33 8.95
CA ARG B 75 35.55 9.32 8.65
C ARG B 75 35.98 7.87 8.44
N SER B 76 35.27 6.96 9.11
CA SER B 76 35.65 5.53 9.05
C SER B 76 35.39 4.97 7.65
N CYS B 77 34.32 5.40 7.02
CA CYS B 77 33.95 4.80 5.71
C CYS B 77 35.07 5.08 4.71
N ARG B 78 35.66 6.26 4.77
CA ARG B 78 36.66 6.65 3.74
C ARG B 78 37.99 5.96 3.99
N GLU B 79 38.45 5.16 3.02
CA GLU B 79 39.75 4.46 3.17
C GLU B 79 40.90 5.46 3.25
N PHE B 80 40.93 6.42 2.34
CA PHE B 80 42.01 7.43 2.31
C PHE B 80 41.78 8.43 3.45
N GLU B 81 42.84 9.09 3.89
CA GLU B 81 42.72 10.08 4.99
C GLU B 81 41.81 11.24 4.60
N ASP B 82 41.97 11.79 3.40
CA ASP B 82 41.21 13.01 3.02
C ASP B 82 40.51 12.76 1.69
N GLN B 83 39.94 11.58 1.54
CA GLN B 83 39.28 11.23 0.25
C GLN B 83 37.96 11.96 0.09
N LYS B 84 37.61 12.21 -1.16
CA LYS B 84 36.26 12.75 -1.42
C LYS B 84 35.24 11.68 -1.05
N LEU B 85 34.23 12.08 -0.30
CA LEU B 85 33.08 11.20 -0.04
C LEU B 85 31.80 11.88 -0.54
N THR B 86 30.91 11.07 -1.11
CA THR B 86 29.59 11.59 -1.55
C THR B 86 28.53 10.92 -0.68
N MET B 87 27.64 11.70 -0.07
CA MET B 87 26.66 11.10 0.87
C MET B 87 25.24 11.52 0.52
N LEU B 88 24.26 10.65 0.80
CA LEU B 88 22.85 11.05 0.62
C LEU B 88 22.22 11.20 2.00
N GLU B 89 21.86 12.41 2.35
CA GLU B 89 21.11 12.62 3.60
C GLU B 89 19.61 12.55 3.32
N ALA B 90 19.08 11.33 3.36
CA ALA B 90 17.63 11.13 3.19
C ALA B 90 16.89 11.77 4.36
N GLY B 91 15.87 12.54 4.06
CA GLY B 91 15.17 13.31 5.07
C GLY B 91 16.02 14.31 5.82
N CYS B 92 16.66 15.20 5.10
CA CYS B 92 17.54 16.22 5.70
C CYS B 92 16.80 17.16 6.63
N GLY B 93 15.56 17.43 6.32
CA GLY B 93 14.91 18.46 7.12
C GLY B 93 15.57 19.79 6.87
N VAL B 94 16.03 20.45 7.93
CA VAL B 94 16.58 21.82 7.77
C VAL B 94 18.10 21.76 7.80
N GLY B 95 18.67 20.57 7.65
CA GLY B 95 20.13 20.47 7.56
C GLY B 95 20.82 20.45 8.90
N ASN B 96 20.07 20.19 9.95
CA ASN B 96 20.64 20.20 11.31
C ASN B 96 21.73 19.13 11.39
N CYS B 97 21.51 17.97 10.78
CA CYS B 97 22.50 16.87 10.84
C CYS B 97 23.50 16.98 9.69
N LEU B 98 23.32 17.92 8.77
CA LEU B 98 24.22 17.96 7.59
C LEU B 98 25.14 19.17 7.66
N PHE B 99 24.57 20.34 7.84
CA PHE B 99 25.40 21.56 7.80
C PHE B 99 26.64 21.40 8.69
N PRO B 100 26.55 20.95 9.97
CA PRO B 100 27.78 20.83 10.74
C PRO B 100 28.72 19.86 10.03
N LEU B 101 28.17 18.74 9.58
CA LEU B 101 29.01 17.71 8.94
C LEU B 101 29.68 18.35 7.72
N LEU B 102 28.93 19.15 6.97
CA LEU B 102 29.54 19.77 5.79
C LEU B 102 30.63 20.76 6.18
N GLU B 103 30.38 21.55 7.21
CA GLU B 103 31.48 22.45 7.65
C GLU B 103 32.65 21.67 8.24
N GLU B 104 32.33 20.64 9.05
CA GLU B 104 33.40 19.87 9.72
C GLU B 104 34.34 19.18 8.74
N ASP B 105 33.81 18.45 7.80
CA ASP B 105 34.66 17.76 6.80
C ASP B 105 34.43 18.49 5.49
N PRO B 106 35.46 19.09 4.88
CA PRO B 106 35.27 19.81 3.63
C PRO B 106 35.53 19.00 2.36
N ASN B 107 35.72 17.70 2.47
CA ASN B 107 35.94 16.85 1.29
C ASN B 107 34.82 15.82 1.17
N ILE B 108 33.62 16.22 1.55
CA ILE B 108 32.45 15.33 1.40
C ILE B 108 31.38 16.08 0.61
N PHE B 109 30.74 15.39 -0.33
CA PHE B 109 29.61 16.00 -1.05
C PHE B 109 28.30 15.38 -0.56
N ALA B 110 27.33 16.25 -0.32
CA ALA B 110 26.06 15.80 0.26
C ALA B 110 24.91 16.04 -0.70
N TYR B 111 24.36 14.93 -1.17
CA TYR B 111 23.06 14.98 -1.88
C TYR B 111 22.10 14.87 -0.69
N ALA B 112 21.10 15.73 -0.59
CA ALA B 112 20.24 15.80 0.58
C ALA B 112 18.82 15.93 0.03
N CYS B 113 17.90 15.16 0.58
CA CYS B 113 16.55 15.31 0.06
C CYS B 113 15.52 15.08 1.15
N ASP B 114 14.36 15.62 0.92
CA ASP B 114 13.28 15.55 1.90
C ASP B 114 12.03 15.90 1.12
N PHE B 115 10.87 15.48 1.57
CA PHE B 115 9.67 15.78 0.79
C PHE B 115 8.93 16.98 1.37
N SER B 116 9.50 17.63 2.36
CA SER B 116 8.86 18.86 2.84
C SER B 116 9.48 20.06 2.12
N PRO B 117 8.70 20.82 1.34
CA PRO B 117 9.26 21.97 0.64
C PRO B 117 9.82 23.06 1.55
N ARG B 118 9.12 23.38 2.63
CA ARG B 118 9.69 24.37 3.56
C ARG B 118 11.01 23.85 4.14
N ALA B 119 11.06 22.58 4.50
CA ALA B 119 12.33 22.01 4.92
C ALA B 119 13.34 22.23 3.80
N ILE B 120 12.94 21.98 2.55
CA ILE B 120 13.91 22.19 1.46
C ILE B 120 14.34 23.65 1.40
N GLU B 121 13.39 24.55 1.49
CA GLU B 121 13.73 25.99 1.34
C GLU B 121 14.64 26.48 2.45
N TYR B 122 14.31 26.13 3.67
CA TYR B 122 15.11 26.59 4.81
C TYR B 122 16.51 26.07 4.56
N VAL B 123 16.63 24.89 3.99
CA VAL B 123 17.99 24.45 3.68
C VAL B 123 18.66 25.24 2.56
N LYS B 124 17.89 25.60 1.53
CA LYS B 124 18.51 26.31 0.40
C LYS B 124 18.82 27.71 0.91
N GLN B 125 17.88 28.30 1.61
CA GLN B 125 18.10 29.65 2.17
C GLN B 125 18.81 29.49 3.50
N ASN B 126 20.03 28.99 3.46
CA ASN B 126 20.83 28.84 4.70
C ASN B 126 22.22 29.38 4.40
N PRO B 127 22.88 30.06 5.35
CA PRO B 127 24.15 30.65 5.04
C PRO B 127 25.14 29.61 4.56
N LEU B 128 25.27 28.51 5.29
CA LEU B 128 26.33 27.55 4.91
C LEU B 128 25.90 26.80 3.66
N TYR B 129 24.79 27.21 3.06
CA TYR B 129 24.40 26.38 1.89
C TYR B 129 25.43 26.64 0.80
N ASP B 130 26.09 25.59 0.33
CA ASP B 130 27.01 25.76 -0.81
C ASP B 130 26.63 24.76 -1.89
N THR B 131 26.30 25.25 -3.07
CA THR B 131 25.86 24.36 -4.15
C THR B 131 27.01 23.42 -4.41
N GLU B 132 28.23 23.88 -4.18
CA GLU B 132 29.39 23.03 -4.52
C GLU B 132 29.43 21.84 -3.58
N ARG B 133 28.85 21.97 -2.40
CA ARG B 133 28.99 20.85 -1.44
C ARG B 133 27.66 20.14 -1.18
N CYS B 134 26.55 20.70 -1.62
CA CYS B 134 25.24 20.11 -1.23
C CYS B 134 24.17 20.26 -2.30
N LYS B 135 23.76 19.16 -2.93
CA LYS B 135 22.59 19.24 -3.83
C LYS B 135 21.39 18.86 -2.96
N VAL B 136 20.53 19.82 -2.69
CA VAL B 136 19.32 19.52 -1.92
C VAL B 136 18.14 19.56 -2.88
N PHE B 137 17.50 18.43 -3.05
CA PHE B 137 16.32 18.33 -3.90
C PHE B 137 15.16 17.82 -3.06
N GLN B 138 13.96 17.98 -3.59
CA GLN B 138 12.79 17.47 -2.88
C GLN B 138 12.36 16.12 -3.44
N CYS B 139 12.04 15.21 -2.52
CA CYS B 139 11.71 13.83 -2.90
C CYS B 139 10.96 13.14 -1.76
N ASP B 140 9.94 12.39 -2.12
CA ASP B 140 9.26 11.53 -1.15
C ASP B 140 9.89 10.17 -1.40
N LEU B 141 10.72 9.73 -0.48
CA LEU B 141 11.49 8.50 -0.70
C LEU B 141 10.53 7.35 -0.95
N THR B 142 9.28 7.40 -0.50
CA THR B 142 8.35 6.33 -0.90
C THR B 142 7.87 6.40 -2.35
N LYS B 143 7.64 7.61 -2.84
CA LYS B 143 7.01 7.79 -4.16
C LYS B 143 7.97 8.07 -5.29
N ASP B 144 9.08 8.74 -5.04
CA ASP B 144 9.87 9.34 -6.12
C ASP B 144 11.23 8.68 -6.27
N ASP B 145 11.76 8.70 -7.49
CA ASP B 145 13.01 7.97 -7.73
C ASP B 145 14.21 8.84 -7.42
N LEU B 146 15.04 8.37 -6.51
CA LEU B 146 16.28 9.08 -6.15
C LEU B 146 17.19 9.18 -7.37
N LEU B 147 17.09 8.25 -8.28
CA LEU B 147 17.89 8.34 -9.52
C LEU B 147 17.58 9.66 -10.22
N ASP B 148 16.37 10.19 -10.03
CA ASP B 148 16.04 11.45 -10.70
C ASP B 148 17.01 12.56 -10.29
N HIS B 149 17.38 12.63 -9.02
CA HIS B 149 18.34 13.69 -8.66
C HIS B 149 19.67 13.15 -8.15
N VAL B 150 19.81 11.85 -8.04
CA VAL B 150 21.07 11.26 -7.51
C VAL B 150 21.56 10.26 -8.53
N PRO B 151 22.81 10.41 -9.03
CA PRO B 151 23.30 9.53 -10.08
C PRO B 151 23.39 8.12 -9.52
N PRO B 152 23.02 7.11 -10.30
CA PRO B 152 22.98 5.77 -9.82
C PRO B 152 24.31 5.27 -9.30
N GLU B 153 24.24 4.49 -8.22
CA GLU B 153 25.38 3.76 -7.65
C GLU B 153 26.51 4.76 -7.44
N SER B 154 26.18 6.00 -7.17
CA SER B 154 27.24 7.00 -7.04
C SER B 154 27.54 7.33 -5.59
N VAL B 155 26.81 6.77 -4.63
CA VAL B 155 26.86 7.30 -3.26
C VAL B 155 27.58 6.33 -2.32
N ASP B 156 28.54 6.87 -1.58
CA ASP B 156 29.33 6.09 -0.60
C ASP B 156 28.59 5.71 0.66
N VAL B 157 27.84 6.64 1.21
CA VAL B 157 27.14 6.41 2.48
C VAL B 157 25.86 7.23 2.47
N VAL B 158 24.74 6.58 2.31
CA VAL B 158 23.46 7.27 2.52
C VAL B 158 23.11 7.22 4.01
N MET B 159 22.73 8.37 4.54
CA MET B 159 22.41 8.51 5.96
C MET B 159 20.91 8.66 6.14
N LEU B 160 20.34 7.88 7.05
CA LEU B 160 18.87 7.81 7.23
C LEU B 160 18.60 8.02 8.71
N ILE B 161 18.75 9.27 9.14
CA ILE B 161 18.67 9.60 10.57
C ILE B 161 17.26 10.08 10.87
N PHE B 162 16.56 9.30 11.68
CA PHE B 162 15.24 9.69 12.19
C PHE B 162 14.22 9.96 11.09
N VAL B 163 14.31 9.22 10.00
CA VAL B 163 13.38 9.43 8.86
C VAL B 163 12.46 8.25 8.62
N LEU B 164 13.00 7.06 8.70
CA LEU B 164 12.20 5.86 8.39
C LEU B 164 11.01 5.83 9.32
N SER B 165 11.18 6.25 10.55
CA SER B 165 10.07 6.20 11.52
C SER B 165 8.94 7.14 11.15
N ALA B 166 9.15 8.07 10.23
CA ALA B 166 8.02 8.87 9.72
C ALA B 166 7.32 8.12 8.61
N VAL B 167 7.89 7.07 8.12
CA VAL B 167 7.36 6.38 6.94
C VAL B 167 6.47 5.24 7.40
N HIS B 168 5.34 5.10 6.74
CA HIS B 168 4.41 4.07 7.18
C HIS B 168 5.12 2.74 7.09
N PRO B 169 4.99 1.85 8.08
CA PRO B 169 5.81 0.66 8.08
C PRO B 169 5.59 -0.16 6.82
N ASP B 170 4.42 -0.13 6.26
CA ASP B 170 4.20 -0.83 4.99
C ASP B 170 5.00 -0.22 3.84
N LYS B 171 5.27 1.07 3.87
CA LYS B 171 6.08 1.69 2.82
C LYS B 171 7.56 1.75 3.12
N MET B 172 8.00 1.27 4.27
CA MET B 172 9.41 1.56 4.58
C MET B 172 10.34 0.89 3.57
N HIS B 173 10.04 -0.33 3.18
CA HIS B 173 10.97 -1.03 2.27
C HIS B 173 11.17 -0.18 1.02
N LEU B 174 10.12 0.49 0.55
CA LEU B 174 10.30 1.38 -0.60
C LEU B 174 11.42 2.37 -0.27
N VAL B 175 11.39 2.96 0.89
CA VAL B 175 12.47 3.94 1.14
C VAL B 175 13.80 3.21 1.04
N LEU B 176 13.90 2.07 1.68
CA LEU B 176 15.17 1.32 1.66
C LEU B 176 15.50 0.93 0.22
N GLN B 177 14.49 0.56 -0.55
CA GLN B 177 14.75 0.16 -1.95
C GLN B 177 15.31 1.31 -2.76
N ASN B 178 14.71 2.47 -2.61
CA ASN B 178 15.14 3.63 -3.40
C ASN B 178 16.60 3.88 -3.05
N ILE B 179 16.91 3.87 -1.75
CA ILE B 179 18.30 4.12 -1.27
C ILE B 179 19.26 3.10 -1.88
N TYR B 180 18.80 1.88 -2.13
CA TYR B 180 19.69 0.79 -2.61
C TYR B 180 20.31 1.21 -3.95
N LYS B 181 19.50 1.78 -4.84
CA LYS B 181 19.98 2.16 -6.19
C LYS B 181 21.05 3.25 -6.08
N VAL B 182 20.84 4.21 -5.19
CA VAL B 182 21.78 5.36 -5.04
C VAL B 182 23.15 4.89 -4.53
N LEU B 183 23.20 3.92 -3.62
CA LEU B 183 24.47 3.47 -3.00
C LEU B 183 25.36 2.73 -3.99
N LYS B 184 26.67 2.73 -3.76
CA LYS B 184 27.60 1.94 -4.61
C LYS B 184 27.86 0.63 -3.87
N PRO B 185 27.99 -0.55 -4.54
CA PRO B 185 28.12 -1.81 -3.82
C PRO B 185 29.22 -1.74 -2.77
N GLY B 186 29.01 -2.44 -1.65
CA GLY B 186 29.99 -2.41 -0.56
C GLY B 186 29.92 -1.13 0.24
N LYS B 187 28.82 -0.38 0.12
CA LYS B 187 28.75 0.94 0.81
C LYS B 187 27.64 0.91 1.86
N SER B 188 27.71 1.80 2.84
CA SER B 188 26.82 1.67 4.02
C SER B 188 25.65 2.64 4.13
N VAL B 189 24.56 2.16 4.74
CA VAL B 189 23.45 3.07 5.08
C VAL B 189 23.62 3.28 6.58
N LEU B 190 23.91 4.50 7.02
CA LEU B 190 24.03 4.75 8.47
C LEU B 190 22.63 5.02 8.99
N PHE B 191 22.09 4.10 9.77
CA PHE B 191 20.69 4.25 10.22
C PHE B 191 20.62 4.60 11.69
N ARG B 192 19.65 5.43 12.06
CA ARG B 192 19.39 5.74 13.47
C ARG B 192 17.94 6.23 13.56
N ASP B 193 17.14 5.63 14.42
CA ASP B 193 15.78 6.17 14.60
C ASP B 193 15.28 5.80 15.99
N TYR B 194 14.02 6.09 16.24
CA TYR B 194 13.42 5.81 17.55
C TYR B 194 13.34 4.31 17.77
N GLY B 195 13.46 3.87 19.02
CA GLY B 195 13.47 2.44 19.34
C GLY B 195 12.48 2.05 20.40
N LEU B 196 12.32 0.76 20.62
CA LEU B 196 11.33 0.25 21.59
C LEU B 196 11.61 0.84 22.95
N TYR B 197 10.56 1.29 23.61
CA TYR B 197 10.63 1.84 24.98
C TYR B 197 11.26 3.24 24.99
N ASP B 198 11.36 3.90 23.84
CA ASP B 198 11.83 5.31 23.85
C ASP B 198 10.75 6.14 24.51
N HIS B 199 11.14 7.15 25.24
CA HIS B 199 10.18 7.95 26.01
C HIS B 199 8.94 8.23 25.19
N ALA B 200 9.12 8.67 23.96
CA ALA B 200 7.88 9.11 23.30
C ALA B 200 6.88 7.96 23.24
N MET B 201 7.32 6.75 22.90
CA MET B 201 6.41 5.60 22.84
C MET B 201 5.75 5.46 24.19
N LEU B 202 6.50 5.54 25.27
CA LEU B 202 5.97 5.31 26.63
C LEU B 202 4.91 6.35 26.96
N ARG B 203 4.93 7.53 26.36
CA ARG B 203 3.90 8.47 26.82
C ARG B 203 2.72 8.62 25.88
N PHE B 204 2.84 8.11 24.67
CA PHE B 204 1.75 8.23 23.71
C PHE B 204 0.53 7.59 24.36
N LYS B 205 -0.61 8.23 24.18
CA LYS B 205 -1.89 7.67 24.68
C LYS B 205 -2.24 6.48 23.79
N ALA B 206 -3.22 5.69 24.16
CA ALA B 206 -3.68 4.64 23.21
C ALA B 206 -4.36 5.24 21.98
N SER B 207 -5.02 6.38 22.14
CA SER B 207 -5.69 7.01 20.99
C SER B 207 -4.64 7.29 19.91
N SER B 208 -3.44 7.67 20.30
CA SER B 208 -2.38 8.00 19.32
C SER B 208 -1.81 6.75 18.63
N LYS B 209 -2.13 5.56 19.10
CA LYS B 209 -1.53 4.36 18.49
C LYS B 209 -2.23 4.05 17.18
N LEU B 210 -1.45 3.96 16.10
CA LEU B 210 -2.00 3.52 14.82
C LEU B 210 -1.78 2.03 14.62
N GLY B 211 -0.85 1.46 15.35
CA GLY B 211 -0.46 0.07 15.13
C GLY B 211 0.60 -0.29 16.13
N GLU B 212 1.12 -1.51 16.03
CA GLU B 212 2.10 -1.87 17.06
C GLU B 212 3.31 -0.99 16.84
N ASN B 213 3.74 -0.33 17.91
CA ASN B 213 4.96 0.49 17.89
C ASN B 213 4.85 1.58 16.85
N PHE B 214 3.64 2.00 16.57
CA PHE B 214 3.42 2.96 15.48
C PHE B 214 2.41 3.96 16.00
N TYR B 215 2.83 5.18 16.18
CA TYR B 215 2.00 6.18 16.86
C TYR B 215 1.97 7.46 16.06
N VAL B 216 1.02 8.31 16.41
CA VAL B 216 0.85 9.58 15.68
C VAL B 216 1.01 10.73 16.67
N ARG B 217 1.83 11.66 16.30
CA ARG B 217 1.99 12.87 17.13
C ARG B 217 0.82 13.79 16.89
N GLN B 218 0.74 14.84 17.66
CA GLN B 218 -0.25 15.88 17.33
C GLN B 218 0.06 16.55 15.99
N ASP B 219 1.31 16.62 15.58
CA ASP B 219 1.72 17.37 14.37
C ASP B 219 0.96 16.75 13.21
N GLY B 220 0.48 15.53 13.39
CA GLY B 220 -0.04 14.72 12.30
C GLY B 220 1.10 13.87 11.80
N THR B 221 2.31 14.15 12.23
CA THR B 221 3.48 13.32 11.94
C THR B 221 3.45 12.06 12.77
N ARG B 222 4.09 11.03 12.26
CA ARG B 222 4.04 9.71 12.88
C ARG B 222 5.42 9.29 13.36
N SER B 223 5.40 8.38 14.31
CA SER B 223 6.66 7.84 14.80
C SER B 223 6.51 6.35 15.01
N TYR B 224 7.27 5.59 14.26
CA TYR B 224 7.37 4.16 14.47
C TYR B 224 8.58 3.94 15.36
N PHE B 225 8.46 2.96 16.24
CA PHE B 225 9.55 2.68 17.19
C PHE B 225 10.10 1.32 16.83
N PHE B 226 11.38 1.29 16.59
CA PHE B 226 11.95 0.14 15.90
C PHE B 226 12.51 -0.85 16.87
N THR B 227 12.21 -2.11 16.61
CA THR B 227 12.91 -3.20 17.26
C THR B 227 14.08 -3.60 16.35
N ASP B 228 15.23 -3.91 16.96
CA ASP B 228 16.44 -4.17 16.18
C ASP B 228 16.07 -5.23 15.16
N ASP B 229 15.27 -6.20 15.57
CA ASP B 229 14.90 -7.26 14.63
C ASP B 229 14.07 -6.77 13.47
N PHE B 230 13.04 -5.99 13.74
CA PHE B 230 12.11 -5.58 12.68
C PHE B 230 12.92 -4.80 11.67
N LEU B 231 13.79 -3.92 12.17
CA LEU B 231 14.59 -3.11 11.23
C LEU B 231 15.52 -3.98 10.40
N ALA B 232 16.23 -4.88 11.03
CA ALA B 232 17.19 -5.76 10.34
C ALA B 232 16.36 -6.49 9.30
N GLN B 233 15.15 -6.84 9.67
CA GLN B 233 14.29 -7.52 8.71
C GLN B 233 14.02 -6.65 7.49
N LEU B 234 13.74 -5.37 7.69
CA LEU B 234 13.46 -4.52 6.52
C LEU B 234 14.71 -4.42 5.64
N PHE B 235 15.86 -4.22 6.27
CA PHE B 235 17.08 -4.03 5.49
C PHE B 235 17.42 -5.29 4.73
N MET B 236 17.18 -6.44 5.34
CA MET B 236 17.47 -7.67 4.56
C MET B 236 16.57 -7.88 3.35
N ASP B 237 15.28 -7.66 3.49
CA ASP B 237 14.34 -7.96 2.39
C ASP B 237 14.65 -7.09 1.20
N THR B 238 15.30 -5.97 1.45
CA THR B 238 15.65 -5.03 0.38
C THR B 238 17.11 -5.22 -0.01
N GLY B 239 17.64 -6.39 0.28
CA GLY B 239 18.95 -6.72 -0.28
C GLY B 239 20.15 -6.19 0.44
N TYR B 240 19.99 -5.68 1.64
CA TYR B 240 21.18 -5.23 2.38
C TYR B 240 21.73 -6.31 3.30
N GLU B 241 22.74 -5.92 4.05
CA GLU B 241 23.46 -6.90 4.88
C GLU B 241 23.88 -6.21 6.16
N GLU B 242 23.65 -6.87 7.28
CA GLU B 242 23.83 -6.15 8.56
C GLU B 242 25.29 -5.87 8.86
N VAL B 243 25.54 -4.84 9.65
CA VAL B 243 26.90 -4.55 10.17
C VAL B 243 26.80 -4.18 11.64
N VAL B 244 26.19 -3.04 11.93
CA VAL B 244 25.84 -2.65 13.32
C VAL B 244 24.33 -2.54 13.36
N ASN B 245 23.72 -3.14 14.37
CA ASN B 245 22.25 -3.03 14.57
C ASN B 245 21.98 -3.07 16.06
N GLU B 246 22.45 -2.07 16.79
CA GLU B 246 22.37 -2.17 18.25
C GLU B 246 21.40 -1.13 18.78
N TYR B 247 20.69 -1.47 19.82
CA TYR B 247 20.00 -0.38 20.53
C TYR B 247 21.07 0.51 21.14
N VAL B 248 20.77 1.77 21.22
CA VAL B 248 21.66 2.75 21.88
C VAL B 248 20.76 3.48 22.86
N PHE B 249 21.35 3.91 23.97
CA PHE B 249 20.54 4.43 25.07
C PHE B 249 21.08 5.77 25.51
N ARG B 250 20.21 6.73 25.66
CA ARG B 250 20.67 8.11 25.91
C ARG B 250 19.74 8.71 26.94
N GLU B 251 20.13 9.84 27.52
CA GLU B 251 19.23 10.52 28.45
C GLU B 251 19.08 11.97 28.00
N THR B 252 17.99 12.61 28.39
CA THR B 252 17.63 13.93 27.86
C THR B 252 17.06 14.75 29.01
N VAL B 253 16.73 16.01 28.75
CA VAL B 253 15.89 16.76 29.72
C VAL B 253 14.77 17.45 28.93
N LEU B 259 13.79 17.62 33.91
CA LEU B 259 13.28 16.22 33.93
C LEU B 259 14.12 15.36 32.98
N CYS B 260 15.03 14.56 33.54
CA CYS B 260 15.88 13.68 32.71
C CYS B 260 15.02 12.58 32.10
N VAL B 261 15.24 12.27 30.83
CA VAL B 261 14.35 11.30 30.16
C VAL B 261 15.18 10.16 29.58
N PRO B 262 14.85 8.89 29.91
CA PRO B 262 15.52 7.77 29.30
C PRO B 262 15.11 7.66 27.83
N ARG B 263 16.06 7.52 26.94
CA ARG B 263 15.73 7.52 25.50
C ARG B 263 16.34 6.29 24.85
N VAL B 264 15.61 5.67 23.95
CA VAL B 264 16.11 4.44 23.28
C VAL B 264 16.09 4.66 21.79
N PHE B 265 17.25 4.62 21.17
CA PHE B 265 17.32 4.71 19.71
C PHE B 265 17.86 3.39 19.18
N LEU B 266 17.45 3.09 17.98
CA LEU B 266 18.01 1.95 17.25
C LEU B 266 19.01 2.57 16.30
N GLN B 267 20.25 2.12 16.37
CA GLN B 267 21.33 2.78 15.61
C GLN B 267 22.11 1.72 14.86
N SER B 268 22.07 1.82 13.54
CA SER B 268 22.45 0.69 12.71
C SER B 268 23.26 1.11 11.49
N LYS B 269 23.84 0.10 10.86
CA LYS B 269 24.58 0.27 9.60
C LYS B 269 24.34 -0.95 8.72
N PHE B 270 24.08 -0.70 7.45
CA PHE B 270 23.92 -1.82 6.53
C PHE B 270 24.71 -1.54 5.27
N LEU B 271 25.12 -2.64 4.63
CA LEU B 271 25.98 -2.50 3.45
C LEU B 271 25.29 -3.04 2.21
N LYS B 272 25.25 -2.23 1.18
CA LYS B 272 24.83 -2.76 -0.11
C LYS B 272 25.86 -3.80 -0.50
N PRO B 273 25.45 -5.02 -0.83
CA PRO B 273 26.41 -6.08 -1.04
C PRO B 273 27.29 -5.74 -2.22
N PRO B 274 28.60 -6.12 -2.20
CA PRO B 274 29.45 -5.94 -3.36
C PRO B 274 29.07 -6.88 -4.51
N LYS B 275 29.52 -6.55 -5.73
CA LYS B 275 29.28 -7.35 -6.97
C LYS B 275 29.20 -8.86 -6.73
N SAH C . -15.53 -3.36 -13.75
CA SAH C . -16.12 -4.50 -13.00
CB SAH C . -17.24 -5.14 -13.81
CG SAH C . -18.18 -5.99 -12.99
SD SAH C . -19.54 -5.08 -12.25
C SAH C . -15.01 -5.53 -12.79
O SAH C . -15.32 -6.61 -12.26
OXT SAH C . -13.88 -5.22 -13.18
C5' SAH C . -20.33 -6.42 -11.33
C4' SAH C . -20.30 -7.66 -12.18
O4' SAH C . -20.64 -8.81 -11.39
C3' SAH C . -21.27 -7.70 -13.36
O3' SAH C . -20.53 -7.69 -14.58
C2' SAH C . -22.03 -9.02 -13.16
O2' SAH C . -22.39 -9.64 -14.38
C1' SAH C . -21.03 -9.79 -12.31
N9 SAH C . -21.60 -10.90 -11.55
C8 SAH C . -22.41 -10.79 -10.45
N7 SAH C . -22.76 -11.96 -9.96
C5 SAH C . -22.09 -12.89 -10.75
C6 SAH C . -22.04 -14.28 -10.73
N6 SAH C . -22.69 -15.03 -9.85
N1 SAH C . -21.28 -14.89 -11.66
C2 SAH C . -20.63 -14.14 -12.54
N3 SAH C . -20.61 -12.81 -12.68
C4 SAH C . -21.37 -12.24 -11.74
C1 B3P D . -23.22 -22.20 -17.85
C2 B3P D . -24.34 -22.22 -16.83
C3 B3P D . -22.94 -23.61 -18.30
N1 B3P D . -21.90 -23.65 -19.32
C4 B3P D . -21.73 -25.01 -19.85
C5 B3P D . -20.25 -25.40 -19.75
C6 B3P D . -22.15 -25.04 -21.32
C7 B3P D . -22.57 -26.03 -19.09
N2 B3P D . -24.72 -20.88 -16.37
C8 B3P D . -26.12 -20.74 -15.92
C9 B3P D . -26.34 -19.36 -15.29
C10 B3P D . -26.55 -21.87 -14.98
C11 B3P D . -27.05 -20.88 -17.14
O1 B3P D . -26.94 -19.39 -14.01
O2 B3P D . -25.50 -22.42 -14.20
O3 B3P D . -26.42 -20.64 -18.39
O4 B3P D . -19.56 -24.97 -20.89
O5 B3P D . -21.28 -24.28 -22.16
O6 B3P D . -21.77 -27.13 -18.73
N SAH E . 17.40 16.42 11.47
CA SAH E . 16.68 15.20 11.01
CB SAH E . 15.64 15.56 9.95
CG SAH E . 14.58 14.53 9.73
SD SAH E . 13.14 14.67 10.81
C SAH E . 17.71 14.24 10.41
O SAH E . 17.43 13.69 9.33
OXT SAH E . 18.77 14.11 11.02
C5' SAH E . 12.04 13.53 9.95
C4' SAH E . 12.07 13.88 8.48
O4' SAH E . 11.49 12.83 7.71
C3' SAH E . 11.30 15.14 8.07
O3' SAH E . 12.23 16.13 7.65
C2' SAH E . 10.43 14.66 6.91
O2' SAH E . 10.24 15.62 5.89
C1' SAH E . 11.19 13.41 6.47
N9 SAH E . 10.40 12.47 5.69
C8 SAH E . 9.44 11.61 6.16
N7 SAH E . 8.93 10.84 5.23
C5 SAH E . 9.63 11.19 4.08
C6 SAH E . 9.57 10.73 2.75
N6 SAH E . 8.73 9.78 2.35
N1 SAH E . 10.41 11.28 1.86
C2 SAH E . 11.25 12.23 2.28
N3 SAH E . 11.40 12.75 3.49
C4 SAH E . 10.55 12.18 4.36
#